data_7KMH
#
_entry.id   7KMH
#
_cell.length_a   74.806
_cell.length_b   260.590
_cell.length_c   94.997
_cell.angle_alpha   90.000
_cell.angle_beta   90.000
_cell.angle_gamma   90.000
#
_symmetry.space_group_name_H-M   'C 2 2 21'
#
loop_
_entity.id
_entity.type
_entity.pdbx_description
1 polymer 'LY-CoV488 Fab heavy chain'
2 polymer 'LY-CoV488 Fab light chain'
3 polymer 'Spike protein S1'
4 non-polymer 2-acetamido-2-deoxy-beta-D-glucopyranose
5 non-polymer GLYCEROL
6 non-polymer PROLINE
7 water water
#
loop_
_entity_poly.entity_id
_entity_poly.type
_entity_poly.pdbx_seq_one_letter_code
_entity_poly.pdbx_strand_id
1 'polypeptide(L)'
;EVQLVESGGGLIQPGGSLRLSCAASGLTVSSNYMSWVRQAPGKGLEWVSVIYSGGSTYYADSVKGRFTISRDNSKNTLYL
QMNSLRAEDTAVYYCARSPYGGNSWGQGTLVTVSSASTKGPSVFPLAPCSRSTSESTAALGCLVKDYFPEPVTVSWNSGA
LTSGVHTFPAVLQSSGLYSLSSVVTVPSSSLGTKTYTCNVDHKPSNTKVDKRVHHHHHH
;
A
2 'polypeptide(L)'
;DIQMTQSPSSLSASVGDRVTITCQASQDISNYLNWYQQKPGKAPKLLIYDASNLETGVPSRFSGSGSGTDFTFTISSLQP
EDIATYYCQQYDNLPITFGQGTRLEIKRTVAAPSVFIFPPSDEQLKSGTASVVCLLNNFYPREAKVQWKVDNALQSGNSQ
ESVTEQDSKDSTYSLSSTLTLSKADYEKHKVYACEVTQGTTSVTKSFNRGEC
;
B
3 'polypeptide(L)'
;FPNITNLCPFGEVFNATRFASVYAWNRKRISNCVADYSVLYNSASFSTFKCYGVSPTKLNDLCFTNVYADSFVIRGDEVR
QIAPGQTGKIADYNYKLPDDFTGCVIAWNSNNLDSKVGGNYNYLYRLFRKSNLKPFERDISTEIYQAGSTPCNGVEGFNC
YFPLQSYGFQPTNGVGYQPYRVVVLSFELLHAPATVCGPHHHHHH
;
C
#
# COMPACT_ATOMS: atom_id res chain seq x y z
N GLU A 1 -16.43 1.82 10.41
CA GLU A 1 -17.45 2.52 9.58
C GLU A 1 -17.19 2.25 8.10
N VAL A 2 -15.92 2.35 7.68
CA VAL A 2 -15.48 1.98 6.34
C VAL A 2 -14.98 0.54 6.37
N GLN A 3 -15.50 -0.28 5.46
CA GLN A 3 -15.00 -1.64 5.27
C GLN A 3 -14.68 -1.86 3.79
N LEU A 4 -13.44 -2.30 3.51
CA LEU A 4 -12.99 -2.69 2.18
C LEU A 4 -12.62 -4.17 2.19
N VAL A 5 -13.33 -4.96 1.37
CA VAL A 5 -13.15 -6.40 1.35
C VAL A 5 -12.76 -6.82 -0.07
N GLU A 6 -11.49 -7.22 -0.24
CA GLU A 6 -10.97 -7.71 -1.51
C GLU A 6 -11.30 -9.20 -1.67
N SER A 7 -11.45 -9.62 -2.92
CA SER A 7 -11.56 -11.03 -3.29
C SER A 7 -11.09 -11.24 -4.73
N GLY A 8 -10.92 -12.51 -5.11
CA GLY A 8 -10.56 -12.91 -6.46
C GLY A 8 -9.18 -13.53 -6.56
N GLY A 9 -8.47 -13.61 -5.43
CA GLY A 9 -7.11 -14.14 -5.38
C GLY A 9 -7.07 -15.65 -5.57
N GLY A 10 -5.91 -16.15 -6.03
CA GLY A 10 -5.68 -17.56 -6.24
C GLY A 10 -4.55 -17.83 -7.24
N LEU A 11 -4.43 -19.10 -7.65
CA LEU A 11 -3.43 -19.51 -8.63
C LEU A 11 -3.94 -19.19 -10.03
N ILE A 12 -3.03 -18.65 -10.84
CA ILE A 12 -3.26 -18.37 -12.24
C ILE A 12 -1.97 -18.67 -13.01
N GLN A 13 -2.11 -19.26 -14.20
CA GLN A 13 -0.99 -19.64 -15.04
C GLN A 13 -0.27 -18.39 -15.56
N PRO A 14 1.06 -18.46 -15.84
CA PRO A 14 1.76 -17.35 -16.49
C PRO A 14 1.09 -17.02 -17.83
N GLY A 15 0.80 -15.72 -18.02
CA GLY A 15 0.14 -15.24 -19.22
C GLY A 15 -1.39 -15.23 -19.08
N GLY A 16 -1.89 -15.74 -17.95
CA GLY A 16 -3.31 -15.81 -17.67
C GLY A 16 -3.89 -14.46 -17.26
N SER A 17 -5.22 -14.41 -17.15
CA SER A 17 -5.97 -13.23 -16.74
C SER A 17 -6.72 -13.51 -15.45
N LEU A 18 -6.84 -12.45 -14.62
CA LEU A 18 -7.58 -12.52 -13.37
C LEU A 18 -8.15 -11.13 -13.05
N ARG A 19 -9.39 -11.09 -12.56
CA ARG A 19 -10.01 -9.85 -12.13
C ARG A 19 -10.23 -9.89 -10.61
N LEU A 20 -9.69 -8.87 -9.92
CA LEU A 20 -9.89 -8.73 -8.49
C LEU A 20 -11.06 -7.78 -8.22
N SER A 21 -11.74 -8.03 -7.10
CA SER A 21 -12.88 -7.26 -6.63
C SER A 21 -12.55 -6.64 -5.28
N CYS A 22 -13.04 -5.42 -5.06
CA CYS A 22 -13.01 -4.78 -3.75
C CYS A 22 -14.39 -4.19 -3.46
N ALA A 23 -15.16 -4.87 -2.61
CA ALA A 23 -16.48 -4.43 -2.19
C ALA A 23 -16.35 -3.46 -1.03
N ALA A 24 -16.95 -2.27 -1.18
CA ALA A 24 -16.86 -1.22 -0.18
C ALA A 24 -18.19 -1.05 0.54
N SER A 25 -18.09 -0.74 1.84
CA SER A 25 -19.19 -0.17 2.60
C SER A 25 -18.67 0.99 3.44
N GLY A 26 -19.51 2.03 3.59
CA GLY A 26 -19.20 3.18 4.41
C GLY A 26 -18.44 4.27 3.65
N LEU A 27 -18.18 4.04 2.36
CA LEU A 27 -17.82 5.07 1.40
C LEU A 27 -18.38 4.70 0.02
N THR A 28 -18.45 5.71 -0.86
CA THR A 28 -18.86 5.51 -2.24
C THR A 28 -17.60 5.46 -3.11
N VAL A 29 -17.38 4.30 -3.74
CA VAL A 29 -16.18 4.02 -4.53
C VAL A 29 -16.00 5.08 -5.62
N SER A 30 -17.12 5.40 -6.30
CA SER A 30 -17.12 6.26 -7.47
C SER A 30 -16.94 7.72 -7.10
N SER A 31 -17.04 8.04 -5.80
CA SER A 31 -16.86 9.41 -5.29
C SER A 31 -15.43 9.65 -4.78
N ASN A 32 -14.57 8.62 -4.84
CA ASN A 32 -13.30 8.71 -4.12
C ASN A 32 -12.11 8.41 -5.02
N TYR A 33 -10.94 8.88 -4.56
CA TYR A 33 -9.65 8.40 -5.03
C TYR A 33 -9.39 7.01 -4.44
N MET A 34 -9.39 6.00 -5.32
CA MET A 34 -9.23 4.60 -4.93
C MET A 34 -8.03 3.99 -5.64
N SER A 35 -7.21 3.26 -4.87
CA SER A 35 -5.97 2.68 -5.34
C SER A 35 -5.93 1.17 -5.08
N TRP A 36 -5.13 0.48 -5.90
CA TRP A 36 -4.57 -0.82 -5.57
C TRP A 36 -3.09 -0.68 -5.23
N VAL A 37 -2.67 -1.41 -4.20
CA VAL A 37 -1.27 -1.51 -3.77
C VAL A 37 -0.99 -2.99 -3.57
N ARG A 38 0.22 -3.43 -3.95
CA ARG A 38 0.58 -4.83 -3.83
C ARG A 38 1.84 -5.00 -2.97
N GLN A 39 1.97 -6.20 -2.40
CA GLN A 39 3.10 -6.59 -1.58
C GLN A 39 3.49 -8.03 -1.92
N ALA A 40 4.62 -8.19 -2.62
CA ALA A 40 5.20 -9.50 -2.88
C ALA A 40 5.58 -10.16 -1.55
N PRO A 41 5.54 -11.52 -1.44
CA PRO A 41 5.86 -12.20 -0.19
C PRO A 41 7.20 -11.77 0.41
N GLY A 42 7.11 -11.21 1.62
CA GLY A 42 8.28 -10.79 2.39
C GLY A 42 9.00 -9.56 1.83
N LYS A 43 8.34 -8.85 0.90
CA LYS A 43 8.90 -7.63 0.34
C LYS A 43 8.05 -6.43 0.77
N GLY A 44 8.34 -5.26 0.19
CA GLY A 44 7.70 -4.02 0.57
C GLY A 44 6.42 -3.73 -0.22
N LEU A 45 5.89 -2.51 -0.04
CA LEU A 45 4.64 -2.08 -0.63
C LEU A 45 4.92 -1.37 -1.97
N GLU A 46 4.11 -1.69 -2.98
CA GLU A 46 4.24 -1.14 -4.31
C GLU A 46 2.87 -0.69 -4.80
N TRP A 47 2.72 0.62 -5.02
CA TRP A 47 1.49 1.19 -5.57
C TRP A 47 1.31 0.71 -7.01
N VAL A 48 0.07 0.32 -7.35
CA VAL A 48 -0.22 -0.31 -8.64
C VAL A 48 -0.98 0.66 -9.55
N SER A 49 -2.09 1.22 -9.04
CA SER A 49 -3.05 1.95 -9.85
C SER A 49 -3.96 2.82 -8.98
N VAL A 50 -4.51 3.87 -9.61
CA VAL A 50 -5.47 4.77 -8.99
C VAL A 50 -6.57 5.10 -10.01
N ILE A 51 -7.79 5.29 -9.50
CA ILE A 51 -8.89 5.89 -10.24
C ILE A 51 -9.44 7.07 -9.45
N TYR A 52 -9.63 8.20 -10.14
CA TYR A 52 -10.17 9.44 -9.62
C TYR A 52 -11.70 9.41 -9.73
N SER A 53 -12.39 10.26 -8.96
CA SER A 53 -13.85 10.33 -9.00
C SER A 53 -14.34 10.65 -10.42
N GLY A 54 -13.71 11.64 -11.07
CA GLY A 54 -14.05 12.02 -12.43
C GLY A 54 -13.71 10.95 -13.46
N GLY A 55 -12.88 9.97 -13.08
CA GLY A 55 -12.67 8.78 -13.90
C GLY A 55 -11.24 8.60 -14.41
N SER A 56 -10.37 9.60 -14.21
CA SER A 56 -8.98 9.50 -14.65
C SER A 56 -8.29 8.31 -13.99
N THR A 57 -7.43 7.62 -14.75
CA THR A 57 -6.74 6.43 -14.27
C THR A 57 -5.23 6.54 -14.52
N TYR A 58 -4.47 6.00 -13.56
CA TYR A 58 -3.01 5.98 -13.61
C TYR A 58 -2.49 4.64 -13.10
N TYR A 59 -1.29 4.29 -13.59
CA TYR A 59 -0.69 2.97 -13.47
C TYR A 59 0.80 3.12 -13.20
N ALA A 60 1.32 2.24 -12.33
CA ALA A 60 2.74 2.05 -12.14
C ALA A 60 3.34 1.49 -13.43
N ASP A 61 4.58 1.91 -13.74
CA ASP A 61 5.25 1.54 -14.97
C ASP A 61 5.31 0.02 -15.14
N SER A 62 5.35 -0.71 -14.02
CA SER A 62 5.53 -2.16 -14.00
C SER A 62 4.29 -2.91 -14.48
N VAL A 63 3.12 -2.25 -14.48
CA VAL A 63 1.86 -2.89 -14.83
C VAL A 63 1.24 -2.22 -16.06
N LYS A 64 1.91 -1.18 -16.58
CA LYS A 64 1.49 -0.42 -17.75
C LYS A 64 1.12 -1.36 -18.90
N GLY A 65 -0.11 -1.19 -19.42
CA GLY A 65 -0.59 -1.89 -20.60
C GLY A 65 -1.12 -3.30 -20.34
N ARG A 66 -1.04 -3.76 -19.08
CA ARG A 66 -1.44 -5.11 -18.70
C ARG A 66 -2.62 -5.07 -17.74
N PHE A 67 -2.66 -4.06 -16.86
CA PHE A 67 -3.67 -3.96 -15.82
C PHE A 67 -4.64 -2.84 -16.15
N THR A 68 -5.92 -3.04 -15.77
CA THR A 68 -6.93 -2.00 -15.88
C THR A 68 -7.70 -1.89 -14.58
N ILE A 69 -7.78 -0.66 -14.05
CA ILE A 69 -8.61 -0.35 -12.90
C ILE A 69 -9.97 0.13 -13.39
N SER A 70 -11.02 -0.22 -12.64
CA SER A 70 -12.40 0.13 -12.98
C SER A 70 -13.30 -0.02 -11.75
N ARG A 71 -14.56 0.39 -11.90
CA ARG A 71 -15.52 0.35 -10.82
C ARG A 71 -16.93 0.11 -11.36
N ASP A 72 -17.78 -0.42 -10.48
CA ASP A 72 -19.22 -0.53 -10.70
C ASP A 72 -19.92 0.22 -9.57
N ASN A 73 -20.66 1.27 -9.95
CA ASN A 73 -21.33 2.16 -9.02
C ASN A 73 -22.44 1.42 -8.28
N SER A 74 -23.22 0.60 -9.01
CA SER A 74 -24.41 -0.06 -8.49
C SER A 74 -24.06 -1.15 -7.48
N LYS A 75 -22.87 -1.74 -7.61
CA LYS A 75 -22.36 -2.77 -6.71
C LYS A 75 -21.44 -2.14 -5.66
N ASN A 76 -21.11 -0.85 -5.85
CA ASN A 76 -20.15 -0.11 -5.03
C ASN A 76 -18.85 -0.90 -4.88
N THR A 77 -18.26 -1.26 -6.03
CA THR A 77 -17.11 -2.16 -6.11
C THR A 77 -16.04 -1.58 -7.04
N LEU A 78 -14.78 -1.69 -6.59
CA LEU A 78 -13.58 -1.42 -7.38
C LEU A 78 -13.05 -2.73 -7.94
N TYR A 79 -12.54 -2.68 -9.18
CA TYR A 79 -11.97 -3.85 -9.85
C TYR A 79 -10.54 -3.57 -10.30
N LEU A 80 -9.74 -4.64 -10.38
CA LEU A 80 -8.45 -4.64 -11.06
C LEU A 80 -8.39 -5.85 -11.99
N GLN A 81 -8.40 -5.55 -13.30
CA GLN A 81 -8.27 -6.57 -14.33
C GLN A 81 -6.78 -6.73 -14.66
N MET A 82 -6.26 -7.93 -14.38
CA MET A 82 -4.85 -8.26 -14.58
C MET A 82 -4.73 -9.20 -15.77
N ASN A 83 -4.08 -8.74 -16.84
CA ASN A 83 -3.83 -9.55 -18.03
C ASN A 83 -2.32 -9.77 -18.20
N SER A 84 -1.96 -10.78 -18.98
CA SER A 84 -0.58 -11.11 -19.33
C SER A 84 0.29 -11.17 -18.08
N LEU A 85 -0.14 -12.02 -17.14
CA LEU A 85 0.44 -12.11 -15.80
C LEU A 85 1.78 -12.83 -15.82
N ARG A 86 2.70 -12.32 -15.00
CA ARG A 86 4.05 -12.85 -14.86
C ARG A 86 4.28 -13.27 -13.41
N ALA A 87 5.33 -14.07 -13.20
CA ALA A 87 5.70 -14.59 -11.88
C ALA A 87 5.91 -13.46 -10.88
N GLU A 88 6.40 -12.31 -11.37
CA GLU A 88 6.73 -11.16 -10.53
C GLU A 88 5.46 -10.45 -10.03
N ASP A 89 4.30 -10.81 -10.58
CA ASP A 89 3.03 -10.23 -10.17
C ASP A 89 2.46 -10.94 -8.94
N THR A 90 3.11 -12.03 -8.51
CA THR A 90 2.77 -12.72 -7.28
C THR A 90 2.90 -11.76 -6.10
N ALA A 91 1.78 -11.49 -5.43
CA ALA A 91 1.68 -10.51 -4.35
C ALA A 91 0.32 -10.61 -3.66
N VAL A 92 0.26 -10.09 -2.43
CA VAL A 92 -1.00 -9.68 -1.82
C VAL A 92 -1.39 -8.33 -2.44
N TYR A 93 -2.63 -8.27 -2.95
CA TYR A 93 -3.17 -7.06 -3.56
C TYR A 93 -4.18 -6.45 -2.60
N TYR A 94 -3.97 -5.16 -2.25
CA TYR A 94 -4.82 -4.40 -1.36
C TYR A 94 -5.55 -3.31 -2.14
N CYS A 95 -6.83 -3.09 -1.82
CA CYS A 95 -7.52 -1.88 -2.22
C CYS A 95 -7.48 -0.87 -1.06
N ALA A 96 -7.43 0.42 -1.41
CA ALA A 96 -7.34 1.49 -0.43
C ALA A 96 -7.96 2.76 -0.98
N ARG A 97 -8.50 3.58 -0.08
CA ARG A 97 -8.77 4.97 -0.41
C ARG A 97 -7.46 5.75 -0.29
N SER A 98 -6.99 6.23 -1.44
CA SER A 98 -5.63 6.72 -1.66
C SER A 98 -5.61 7.37 -3.04
N PRO A 99 -5.00 8.56 -3.16
CA PRO A 99 -4.16 9.18 -2.15
C PRO A 99 -4.81 10.23 -1.24
N TYR A 100 -6.09 10.57 -1.52
CA TYR A 100 -6.77 11.62 -0.77
C TYR A 100 -8.08 11.09 -0.20
N GLY A 101 -8.51 11.70 0.90
CA GLY A 101 -9.65 11.25 1.67
C GLY A 101 -9.19 10.39 2.85
N GLY A 102 -10.16 9.93 3.65
CA GLY A 102 -9.88 9.10 4.81
C GLY A 102 -9.09 7.85 4.44
N ASN A 103 -8.09 7.54 5.26
CA ASN A 103 -7.14 6.46 4.98
C ASN A 103 -7.74 5.12 5.41
N SER A 104 -8.10 4.30 4.41
CA SER A 104 -8.70 3.00 4.63
C SER A 104 -8.06 1.96 3.70
N TRP A 105 -7.77 0.78 4.26
CA TRP A 105 -7.23 -0.35 3.51
C TRP A 105 -8.10 -1.58 3.74
N GLY A 106 -8.21 -2.41 2.71
CA GLY A 106 -8.77 -3.75 2.86
C GLY A 106 -7.76 -4.72 3.47
N GLN A 107 -8.21 -5.95 3.70
CA GLN A 107 -7.42 -6.97 4.38
C GLN A 107 -6.46 -7.66 3.41
N GLY A 108 -6.74 -7.57 2.11
CA GLY A 108 -5.84 -8.05 1.06
C GLY A 108 -6.25 -9.41 0.50
N THR A 109 -5.76 -9.73 -0.71
CA THR A 109 -5.97 -11.01 -1.37
C THR A 109 -4.72 -11.43 -2.14
N LEU A 110 -4.31 -12.69 -1.98
CA LEU A 110 -3.04 -13.20 -2.50
C LEU A 110 -3.23 -13.81 -3.89
N VAL A 111 -2.43 -13.31 -4.84
CA VAL A 111 -2.42 -13.80 -6.22
C VAL A 111 -1.09 -14.51 -6.47
N THR A 112 -1.17 -15.76 -6.94
CA THR A 112 -0.01 -16.58 -7.25
C THR A 112 0.03 -16.85 -8.76
N VAL A 113 1.13 -16.46 -9.40
CA VAL A 113 1.37 -16.75 -10.80
C VAL A 113 2.41 -17.86 -10.88
N SER A 114 1.95 -19.05 -11.27
CA SER A 114 2.77 -20.26 -11.31
C SER A 114 2.21 -21.25 -12.33
N SER A 115 3.11 -22.03 -12.94
CA SER A 115 2.78 -22.98 -13.99
C SER A 115 2.12 -24.24 -13.42
N ALA A 116 2.11 -24.37 -12.08
CA ALA A 116 1.65 -25.55 -11.38
C ALA A 116 0.13 -25.62 -11.32
N SER A 117 -0.39 -26.70 -10.73
CA SER A 117 -1.81 -26.94 -10.52
C SER A 117 -2.20 -26.60 -9.07
N THR A 118 -3.51 -26.42 -8.85
CA THR A 118 -4.09 -26.14 -7.54
C THR A 118 -4.26 -27.45 -6.77
N LYS A 119 -3.76 -27.49 -5.53
CA LYS A 119 -3.87 -28.70 -4.72
C LYS A 119 -4.33 -28.36 -3.30
N GLY A 120 -5.42 -29.01 -2.88
CA GLY A 120 -5.99 -28.87 -1.55
C GLY A 120 -5.17 -29.59 -0.49
N PRO A 121 -5.32 -29.22 0.81
CA PRO A 121 -4.49 -29.76 1.88
C PRO A 121 -4.95 -31.10 2.46
N SER A 122 -3.97 -31.89 2.94
CA SER A 122 -4.23 -33.01 3.81
C SER A 122 -3.98 -32.57 5.25
N VAL A 123 -4.97 -32.82 6.11
CA VAL A 123 -4.93 -32.40 7.52
C VAL A 123 -4.78 -33.65 8.39
N PHE A 124 -3.68 -33.70 9.14
CA PHE A 124 -3.36 -34.83 10.00
C PHE A 124 -3.25 -34.35 11.44
N PRO A 125 -3.72 -35.14 12.44
CA PRO A 125 -3.58 -34.77 13.85
C PRO A 125 -2.12 -34.77 14.30
N LEU A 126 -1.78 -33.76 15.12
CA LEU A 126 -0.55 -33.75 15.88
C LEU A 126 -0.93 -33.96 17.35
N ALA A 127 -0.62 -35.17 17.86
CA ALA A 127 -1.07 -35.60 19.17
C ALA A 127 0.06 -36.30 19.91
N PRO A 128 0.18 -36.12 21.26
CA PRO A 128 1.29 -36.70 22.02
C PRO A 128 1.21 -38.22 22.14
N CYS A 129 2.38 -38.86 22.27
CA CYS A 129 2.52 -40.31 22.22
C CYS A 129 1.87 -40.95 23.46
N THR A 133 0.35 -40.71 32.57
CA THR A 133 -0.16 -39.37 32.88
C THR A 133 0.68 -38.33 32.16
N SER A 134 0.00 -37.33 31.58
CA SER A 134 0.66 -36.23 30.87
C SER A 134 1.19 -35.21 31.88
N GLU A 135 2.09 -34.34 31.39
CA GLU A 135 2.52 -33.15 32.10
C GLU A 135 1.34 -32.21 32.23
N SER A 136 1.43 -31.22 33.14
CA SER A 136 0.30 -30.38 33.49
C SER A 136 -0.15 -29.50 32.33
N THR A 137 0.76 -29.23 31.39
CA THR A 137 0.46 -28.55 30.13
C THR A 137 0.65 -29.53 28.97
N ALA A 138 -0.44 -29.77 28.23
CA ALA A 138 -0.45 -30.66 27.08
C ALA A 138 -0.56 -29.85 25.80
N ALA A 139 -0.04 -30.42 24.70
CA ALA A 139 -0.08 -29.80 23.38
C ALA A 139 -0.81 -30.70 22.40
N LEU A 140 -1.64 -30.08 21.54
CA LEU A 140 -2.32 -30.73 20.42
C LEU A 140 -2.15 -29.85 19.20
N GLY A 141 -2.20 -30.46 18.00
CA GLY A 141 -1.96 -29.71 16.78
C GLY A 141 -2.61 -30.31 15.53
N CYS A 142 -2.33 -29.65 14.40
CA CYS A 142 -2.76 -30.05 13.06
C CYS A 142 -1.64 -29.75 12.08
N LEU A 143 -1.24 -30.78 11.33
CA LEU A 143 -0.29 -30.66 10.24
C LEU A 143 -1.06 -30.49 8.95
N VAL A 144 -0.76 -29.41 8.23
CA VAL A 144 -1.41 -29.05 6.98
C VAL A 144 -0.40 -29.30 5.85
N LYS A 145 -0.55 -30.47 5.21
CA LYS A 145 0.44 -31.02 4.32
C LYS A 145 -0.03 -30.94 2.87
N ASP A 146 0.93 -30.67 1.98
CA ASP A 146 0.84 -30.82 0.53
C ASP A 146 -0.35 -30.04 -0.02
N TYR A 147 -0.28 -28.71 0.10
CA TYR A 147 -1.25 -27.82 -0.52
C TYR A 147 -0.52 -26.80 -1.38
N PHE A 148 -1.29 -26.17 -2.29
CA PHE A 148 -0.82 -25.13 -3.18
C PHE A 148 -2.03 -24.43 -3.80
N PRO A 149 -1.97 -23.10 -3.98
CA PRO A 149 -0.92 -22.22 -3.48
C PRO A 149 -1.19 -21.81 -2.03
N GLU A 150 -0.37 -20.88 -1.51
CA GLU A 150 -0.71 -20.13 -0.32
C GLU A 150 -1.95 -19.28 -0.61
N PRO A 151 -2.76 -18.99 0.42
CA PRO A 151 -2.53 -19.31 1.82
C PRO A 151 -3.57 -20.24 2.45
N VAL A 152 -3.26 -20.75 3.66
CA VAL A 152 -4.28 -21.38 4.50
C VAL A 152 -4.44 -20.58 5.80
N THR A 153 -5.62 -20.70 6.40
CA THR A 153 -5.92 -20.15 7.72
C THR A 153 -6.43 -21.27 8.63
N VAL A 154 -6.03 -21.20 9.91
CA VAL A 154 -6.41 -22.18 10.92
C VAL A 154 -7.02 -21.44 12.12
N SER A 155 -8.17 -21.95 12.58
CA SER A 155 -8.75 -21.58 13.87
C SER A 155 -9.05 -22.85 14.67
N TRP A 156 -9.48 -22.67 15.93
CA TRP A 156 -9.80 -23.77 16.81
C TRP A 156 -11.18 -23.57 17.45
N ASN A 157 -12.00 -24.63 17.38
CA ASN A 157 -13.35 -24.65 17.90
C ASN A 157 -14.15 -23.47 17.36
N SER A 158 -13.98 -23.20 16.05
CA SER A 158 -14.61 -22.13 15.29
C SER A 158 -14.20 -20.75 15.81
N GLY A 159 -12.94 -20.64 16.25
CA GLY A 159 -12.33 -19.39 16.68
C GLY A 159 -12.60 -19.05 18.14
N ALA A 160 -13.27 -19.97 18.86
CA ALA A 160 -13.63 -19.78 20.26
C ALA A 160 -12.41 -19.98 21.17
N LEU A 161 -11.37 -20.62 20.62
CA LEU A 161 -10.13 -20.89 21.35
C LEU A 161 -8.97 -20.22 20.63
N THR A 162 -8.36 -19.22 21.29
CA THR A 162 -7.31 -18.40 20.70
C THR A 162 -6.08 -18.38 21.61
N SER A 163 -6.30 -18.46 22.93
CA SER A 163 -5.23 -18.46 23.91
C SER A 163 -4.38 -19.72 23.75
N GLY A 164 -3.08 -19.51 23.47
CA GLY A 164 -2.08 -20.57 23.43
C GLY A 164 -1.89 -21.19 22.04
N VAL A 165 -2.52 -20.61 21.02
CA VAL A 165 -2.45 -21.10 19.65
C VAL A 165 -1.22 -20.50 18.97
N HIS A 166 -0.44 -21.36 18.31
CA HIS A 166 0.64 -20.95 17.43
C HIS A 166 0.45 -21.61 16.07
N THR A 167 -0.01 -20.81 15.09
CA THR A 167 -0.06 -21.27 13.72
C THR A 167 1.19 -20.77 13.01
N PHE A 168 1.98 -21.73 12.53
CA PHE A 168 3.32 -21.47 12.00
C PHE A 168 3.23 -20.99 10.56
N PRO A 169 4.24 -20.21 10.08
CA PRO A 169 4.43 -19.99 8.64
C PRO A 169 4.70 -21.30 7.91
N ALA A 170 4.34 -21.33 6.62
CA ALA A 170 4.49 -22.51 5.79
C ALA A 170 5.89 -22.57 5.20
N VAL A 171 6.36 -23.79 4.93
CA VAL A 171 7.62 -24.02 4.24
C VAL A 171 7.34 -24.61 2.85
N LEU A 172 8.13 -24.19 1.86
CA LEU A 172 8.07 -24.78 0.54
C LEU A 172 8.94 -26.04 0.53
N GLN A 173 8.26 -27.19 0.47
CA GLN A 173 8.92 -28.49 0.39
C GLN A 173 9.52 -28.65 -1.01
N SER A 174 10.46 -29.59 -1.14
CA SER A 174 11.23 -29.80 -2.36
C SER A 174 10.37 -30.35 -3.50
N SER A 175 9.15 -30.78 -3.17
CA SER A 175 8.19 -31.28 -4.14
C SER A 175 7.41 -30.12 -4.77
N GLY A 176 7.49 -28.94 -4.17
CA GLY A 176 6.84 -27.73 -4.67
C GLY A 176 5.52 -27.43 -3.96
N LEU A 177 5.22 -28.22 -2.92
CA LEU A 177 4.00 -28.07 -2.15
C LEU A 177 4.34 -27.51 -0.77
N TYR A 178 3.38 -26.78 -0.19
CA TYR A 178 3.54 -26.13 1.11
C TYR A 178 3.07 -27.05 2.23
N SER A 179 3.63 -26.81 3.43
CA SER A 179 3.26 -27.50 4.65
C SER A 179 3.44 -26.56 5.83
N LEU A 180 2.42 -26.50 6.69
CA LEU A 180 2.54 -25.81 7.98
C LEU A 180 1.87 -26.61 9.10
N SER A 181 2.19 -26.20 10.33
CA SER A 181 1.65 -26.75 11.56
C SER A 181 0.86 -25.67 12.30
N SER A 182 -0.16 -26.10 13.04
CA SER A 182 -0.86 -25.26 14.00
C SER A 182 -1.04 -26.03 15.30
N VAL A 183 -0.48 -25.48 16.39
CA VAL A 183 -0.48 -26.15 17.69
C VAL A 183 -1.20 -25.28 18.71
N VAL A 184 -1.74 -25.93 19.74
CA VAL A 184 -2.31 -25.26 20.90
C VAL A 184 -1.87 -25.98 22.17
N THR A 185 -1.38 -25.19 23.14
CA THR A 185 -1.12 -25.69 24.48
C THR A 185 -2.34 -25.43 25.36
N VAL A 186 -2.77 -26.47 26.08
CA VAL A 186 -3.98 -26.47 26.88
C VAL A 186 -3.67 -27.10 28.25
N PRO A 187 -4.48 -26.84 29.30
CA PRO A 187 -4.30 -27.52 30.59
C PRO A 187 -4.69 -28.98 30.41
N SER A 188 -3.85 -29.88 30.95
CA SER A 188 -3.97 -31.32 30.75
C SER A 188 -5.27 -31.87 31.33
N SER A 189 -5.87 -31.14 32.30
CA SER A 189 -7.08 -31.54 32.99
C SER A 189 -8.31 -31.42 32.09
N SER A 190 -8.19 -30.62 31.02
CA SER A 190 -9.30 -30.36 30.10
C SER A 190 -9.27 -31.33 28.92
N LEU A 191 -8.22 -32.16 28.86
CA LEU A 191 -7.96 -33.03 27.72
C LEU A 191 -9.02 -34.13 27.61
N GLY A 192 -9.76 -34.40 28.70
CA GLY A 192 -10.78 -35.42 28.71
C GLY A 192 -12.19 -34.85 28.91
N THR A 193 -12.28 -33.55 29.18
CA THR A 193 -13.56 -32.89 29.44
C THR A 193 -14.00 -32.07 28.22
N LYS A 194 -13.09 -31.22 27.73
CA LYS A 194 -13.36 -30.38 26.57
C LYS A 194 -13.00 -31.12 25.29
N THR A 195 -13.42 -30.58 24.15
CA THR A 195 -13.17 -31.13 22.81
C THR A 195 -12.43 -30.09 21.99
N TYR A 196 -11.55 -30.55 21.07
CA TYR A 196 -10.70 -29.67 20.29
C TYR A 196 -10.73 -30.08 18.81
N THR A 197 -10.94 -29.07 17.94
CA THR A 197 -11.05 -29.24 16.49
C THR A 197 -10.31 -28.10 15.80
N CYS A 198 -9.50 -28.41 14.79
CA CYS A 198 -8.86 -27.38 13.98
C CYS A 198 -9.66 -27.14 12.70
N ASN A 199 -9.98 -25.86 12.47
CA ASN A 199 -10.77 -25.41 11.33
C ASN A 199 -9.82 -24.80 10.31
N VAL A 200 -9.62 -25.51 9.19
CA VAL A 200 -8.61 -25.19 8.18
C VAL A 200 -9.31 -24.73 6.90
N ASP A 201 -8.88 -23.59 6.36
CA ASP A 201 -9.47 -23.00 5.17
C ASP A 201 -8.38 -22.76 4.11
N HIS A 202 -8.57 -23.38 2.94
CA HIS A 202 -7.75 -23.15 1.76
C HIS A 202 -8.62 -22.55 0.68
N LYS A 203 -8.80 -21.23 0.73
CA LYS A 203 -9.70 -20.50 -0.17
C LYS A 203 -9.29 -20.67 -1.64
N PRO A 204 -7.97 -20.72 -2.01
CA PRO A 204 -7.58 -21.00 -3.39
C PRO A 204 -8.07 -22.30 -4.03
N SER A 205 -8.51 -23.27 -3.21
CA SER A 205 -9.06 -24.53 -3.70
C SER A 205 -10.54 -24.67 -3.32
N ASN A 206 -11.07 -23.67 -2.61
CA ASN A 206 -12.45 -23.62 -2.13
C ASN A 206 -12.75 -24.79 -1.20
N THR A 207 -11.80 -25.11 -0.30
CA THR A 207 -11.93 -26.25 0.61
C THR A 207 -11.79 -25.78 2.06
N LYS A 208 -12.73 -26.23 2.90
CA LYS A 208 -12.62 -26.11 4.35
C LYS A 208 -12.58 -27.51 4.97
N VAL A 209 -11.59 -27.73 5.86
CA VAL A 209 -11.44 -28.99 6.56
C VAL A 209 -11.56 -28.73 8.07
N ASP A 210 -12.47 -29.47 8.72
CA ASP A 210 -12.62 -29.46 10.17
C ASP A 210 -12.28 -30.85 10.69
N LYS A 211 -11.25 -30.91 11.55
CA LYS A 211 -10.71 -32.18 12.02
C LYS A 211 -10.60 -32.16 13.55
N ARG A 212 -11.31 -33.11 14.19
CA ARG A 212 -11.21 -33.31 15.63
C ARG A 212 -9.88 -33.99 15.94
N VAL A 213 -9.33 -33.70 17.13
CA VAL A 213 -8.04 -34.21 17.55
C VAL A 213 -8.22 -35.03 18.83
N ASP B 1 10.28 9.70 -10.90
CA ASP B 1 9.80 9.07 -9.64
C ASP B 1 10.49 9.72 -8.45
N ILE B 2 9.82 9.67 -7.28
CA ILE B 2 10.40 10.10 -6.03
C ILE B 2 10.74 8.85 -5.22
N GLN B 3 12.01 8.70 -4.86
CA GLN B 3 12.49 7.58 -4.06
C GLN B 3 12.42 7.94 -2.58
N MET B 4 12.02 6.95 -1.77
CA MET B 4 11.92 7.10 -0.33
C MET B 4 12.93 6.15 0.33
N THR B 5 13.98 6.74 0.91
CA THR B 5 15.04 6.00 1.59
C THR B 5 14.75 5.98 3.08
N GLN B 6 14.60 4.77 3.61
CA GLN B 6 14.22 4.57 5.00
C GLN B 6 15.39 3.96 5.78
N SER B 7 15.56 4.42 7.04
CA SER B 7 16.66 4.01 7.89
C SER B 7 16.19 3.85 9.34
N PRO B 8 16.61 2.78 10.03
CA PRO B 8 17.40 1.68 9.48
C PRO B 8 16.48 0.61 8.90
N SER B 9 17.07 -0.39 8.23
CA SER B 9 16.34 -1.50 7.63
C SER B 9 15.69 -2.35 8.72
N SER B 10 16.44 -2.57 9.80
CA SER B 10 15.96 -3.23 11.00
C SER B 10 16.67 -2.67 12.21
N LEU B 11 15.94 -2.60 13.33
CA LEU B 11 16.51 -2.25 14.62
C LEU B 11 15.95 -3.20 15.68
N SER B 12 16.77 -3.42 16.72
CA SER B 12 16.39 -4.21 17.89
C SER B 12 16.49 -3.31 19.13
N ALA B 13 15.43 -3.31 19.94
CA ALA B 13 15.32 -2.41 21.08
C ALA B 13 14.57 -3.08 22.23
N SER B 14 14.79 -2.55 23.45
CA SER B 14 14.14 -3.03 24.66
C SER B 14 12.83 -2.26 24.89
N VAL B 15 11.90 -2.88 25.63
CA VAL B 15 10.69 -2.23 26.10
C VAL B 15 11.09 -1.00 26.93
N GLY B 16 10.48 0.15 26.60
CA GLY B 16 10.74 1.39 27.30
C GLY B 16 11.67 2.33 26.53
N ASP B 17 12.45 1.78 25.59
CA ASP B 17 13.41 2.54 24.79
C ASP B 17 12.67 3.51 23.86
N ARG B 18 13.32 4.65 23.62
CA ARG B 18 12.96 5.57 22.56
C ARG B 18 13.53 5.05 21.24
N VAL B 19 12.69 4.99 20.21
CA VAL B 19 13.04 4.47 18.90
C VAL B 19 12.84 5.56 17.86
N THR B 20 13.82 5.72 16.96
CA THR B 20 13.79 6.72 15.90
C THR B 20 14.08 6.08 14.55
N ILE B 21 13.14 6.28 13.61
CA ILE B 21 13.24 5.86 12.22
C ILE B 21 13.27 7.13 11.37
N THR B 22 14.13 7.15 10.36
CA THR B 22 14.21 8.27 9.42
C THR B 22 13.71 7.83 8.05
N CYS B 23 13.14 8.79 7.32
CA CYS B 23 12.78 8.65 5.93
C CYS B 23 13.31 9.87 5.18
N GLN B 24 13.91 9.64 4.01
CA GLN B 24 14.39 10.72 3.17
C GLN B 24 13.83 10.57 1.77
N ALA B 25 13.17 11.64 1.30
CA ALA B 25 12.61 11.74 -0.04
C ALA B 25 13.67 12.34 -0.97
N SER B 26 13.68 11.87 -2.23
CA SER B 26 14.71 12.21 -3.19
C SER B 26 14.47 13.60 -3.79
N GLN B 27 13.26 14.15 -3.59
CA GLN B 27 12.93 15.54 -3.88
C GLN B 27 11.84 15.99 -2.92
N ASP B 28 11.56 17.31 -2.88
CA ASP B 28 10.59 17.93 -1.98
C ASP B 28 9.23 17.23 -2.13
N ILE B 29 8.66 16.82 -0.99
CA ILE B 29 7.31 16.30 -0.91
C ILE B 29 6.50 17.09 0.11
N SER B 30 6.96 18.31 0.45
CA SER B 30 6.28 19.19 1.37
C SER B 30 6.09 18.43 2.70
N ASN B 31 4.87 18.39 3.23
CA ASN B 31 4.63 17.57 4.40
C ASN B 31 3.74 16.37 4.05
N TYR B 32 3.66 16.03 2.76
CA TYR B 32 2.75 14.98 2.30
C TYR B 32 3.40 13.60 2.43
N LEU B 33 3.61 13.20 3.70
CA LEU B 33 4.20 11.92 4.06
C LEU B 33 3.34 11.26 5.15
N ASN B 34 3.11 9.95 4.98
CA ASN B 34 2.38 9.11 5.91
C ASN B 34 3.30 8.03 6.48
N TRP B 35 3.05 7.66 7.76
CA TRP B 35 3.70 6.54 8.42
C TRP B 35 2.69 5.45 8.73
N TYR B 36 3.05 4.20 8.37
CA TYR B 36 2.22 3.03 8.54
C TYR B 36 2.92 1.99 9.42
N GLN B 37 2.10 1.25 10.18
CA GLN B 37 2.55 0.09 10.91
C GLN B 37 1.92 -1.16 10.30
N GLN B 38 2.76 -2.15 9.98
CA GLN B 38 2.27 -3.40 9.44
C GLN B 38 2.72 -4.57 10.31
N LYS B 39 1.72 -5.23 10.91
CA LYS B 39 1.91 -6.47 11.65
C LYS B 39 1.67 -7.64 10.70
N PRO B 40 2.54 -8.69 10.71
CA PRO B 40 2.52 -9.73 9.69
C PRO B 40 1.13 -10.32 9.41
N GLY B 41 0.82 -10.45 8.12
CA GLY B 41 -0.45 -11.03 7.66
C GLY B 41 -1.63 -10.06 7.79
N LYS B 42 -1.34 -8.79 8.12
CA LYS B 42 -2.36 -7.76 8.22
C LYS B 42 -2.03 -6.62 7.27
N ALA B 43 -3.04 -5.79 6.98
CA ALA B 43 -2.88 -4.56 6.20
C ALA B 43 -2.09 -3.53 7.00
N PRO B 44 -1.33 -2.63 6.32
CA PRO B 44 -0.76 -1.45 6.98
C PRO B 44 -1.85 -0.59 7.61
N LYS B 45 -1.56 -0.12 8.83
CA LYS B 45 -2.40 0.79 9.58
C LYS B 45 -1.70 2.15 9.63
N LEU B 46 -2.44 3.21 9.30
CA LEU B 46 -1.91 4.57 9.36
C LEU B 46 -1.74 4.98 10.83
N LEU B 47 -0.54 5.45 11.15
CA LEU B 47 -0.24 5.98 12.48
C LEU B 47 -0.15 7.51 12.42
N ILE B 48 0.61 8.03 11.46
CA ILE B 48 0.92 9.46 11.34
C ILE B 48 0.64 9.88 9.90
N TYR B 49 -0.18 10.93 9.74
CA TYR B 49 -0.45 11.50 8.43
C TYR B 49 0.06 12.95 8.37
N ASP B 50 0.49 13.36 7.17
CA ASP B 50 1.04 14.68 6.90
C ASP B 50 2.18 14.99 7.87
N ALA B 51 3.12 14.04 7.96
CA ALA B 51 4.40 14.14 8.66
C ALA B 51 4.26 14.11 10.18
N SER B 52 3.24 14.76 10.75
CA SER B 52 3.25 15.04 12.19
C SER B 52 1.91 14.79 12.89
N ASN B 53 0.87 14.43 12.12
CA ASN B 53 -0.47 14.31 12.67
C ASN B 53 -0.77 12.87 13.09
N LEU B 54 -1.24 12.73 14.33
CA LEU B 54 -1.62 11.45 14.91
C LEU B 54 -3.02 11.08 14.41
N GLU B 55 -3.13 9.93 13.74
CA GLU B 55 -4.40 9.35 13.35
C GLU B 55 -5.22 9.09 14.62
N THR B 56 -6.54 9.31 14.54
CA THR B 56 -7.43 9.14 15.68
C THR B 56 -7.39 7.69 16.16
N GLY B 57 -7.15 7.51 17.46
CA GLY B 57 -7.12 6.20 18.09
C GLY B 57 -5.70 5.68 18.33
N VAL B 58 -4.71 6.35 17.73
CA VAL B 58 -3.32 5.93 17.81
C VAL B 58 -2.73 6.45 19.13
N PRO B 59 -1.99 5.61 19.91
CA PRO B 59 -1.38 6.04 21.16
C PRO B 59 -0.40 7.20 20.99
N SER B 60 -0.32 8.05 22.03
CA SER B 60 0.40 9.31 21.96
C SER B 60 1.90 9.12 22.07
N ARG B 61 2.35 7.87 22.32
CA ARG B 61 3.76 7.52 22.28
C ARG B 61 4.32 7.60 20.85
N PHE B 62 3.43 7.56 19.85
CA PHE B 62 3.83 7.74 18.46
C PHE B 62 3.79 9.22 18.09
N SER B 63 4.84 9.65 17.38
CA SER B 63 4.97 11.00 16.87
C SER B 63 5.78 10.98 15.57
N GLY B 64 5.68 12.08 14.81
CA GLY B 64 6.47 12.30 13.63
C GLY B 64 6.79 13.77 13.42
N SER B 65 7.85 14.04 12.64
CA SER B 65 8.22 15.40 12.31
C SER B 65 8.91 15.47 10.95
N GLY B 66 9.02 16.69 10.43
CA GLY B 66 9.75 16.94 9.20
C GLY B 66 8.85 17.57 8.13
N SER B 67 9.53 18.15 7.15
CA SER B 67 8.93 18.83 6.01
C SER B 67 10.01 19.00 4.96
N GLY B 68 9.67 18.72 3.70
CA GLY B 68 10.63 18.81 2.62
C GLY B 68 11.13 17.43 2.20
N THR B 69 12.35 17.07 2.63
CA THR B 69 12.95 15.80 2.24
C THR B 69 13.26 14.91 3.44
N ASP B 70 13.43 15.51 4.63
CA ASP B 70 13.89 14.77 5.80
C ASP B 70 12.77 14.61 6.82
N PHE B 71 12.48 13.35 7.15
CA PHE B 71 11.38 13.00 8.05
C PHE B 71 11.85 12.02 9.11
N THR B 72 11.25 12.13 10.30
CA THR B 72 11.52 11.20 11.39
C THR B 72 10.20 10.72 11.98
N PHE B 73 10.21 9.46 12.44
CA PHE B 73 9.13 8.80 13.16
C PHE B 73 9.71 8.29 14.48
N THR B 74 8.98 8.54 15.57
CA THR B 74 9.48 8.26 16.91
C THR B 74 8.45 7.47 17.72
N ILE B 75 8.93 6.41 18.39
CA ILE B 75 8.21 5.81 19.51
C ILE B 75 8.94 6.22 20.78
N SER B 76 8.24 6.98 21.63
CA SER B 76 8.83 7.61 22.81
C SER B 76 9.23 6.56 23.85
N SER B 77 8.38 5.52 24.00
CA SER B 77 8.61 4.42 24.92
C SER B 77 8.03 3.14 24.31
N LEU B 78 8.93 2.27 23.82
CA LEU B 78 8.57 1.08 23.06
C LEU B 78 7.76 0.11 23.93
N GLN B 79 6.62 -0.34 23.39
CA GLN B 79 5.77 -1.32 24.05
C GLN B 79 5.90 -2.66 23.32
N PRO B 80 5.61 -3.82 23.98
CA PRO B 80 5.66 -5.13 23.32
C PRO B 80 4.81 -5.27 22.05
N GLU B 81 3.69 -4.53 22.00
CA GLU B 81 2.74 -4.62 20.89
C GLU B 81 3.20 -3.77 19.71
N ASP B 82 4.40 -3.18 19.80
CA ASP B 82 4.91 -2.29 18.76
C ASP B 82 5.81 -3.06 17.78
N ILE B 83 5.92 -4.39 17.99
CA ILE B 83 6.58 -5.29 17.06
C ILE B 83 5.81 -5.25 15.74
N ALA B 84 6.48 -4.78 14.68
CA ALA B 84 5.92 -4.55 13.36
C ALA B 84 7.01 -4.15 12.36
N THR B 85 6.61 -4.00 11.10
CA THR B 85 7.38 -3.29 10.09
C THR B 85 6.70 -1.94 9.84
N TYR B 86 7.51 -0.87 9.80
CA TYR B 86 7.06 0.50 9.65
C TYR B 86 7.46 1.04 8.29
N TYR B 87 6.51 1.66 7.58
CA TYR B 87 6.74 2.21 6.25
C TYR B 87 6.39 3.70 6.21
N CYS B 88 7.24 4.48 5.53
CA CYS B 88 6.89 5.82 5.09
C CYS B 88 6.28 5.75 3.68
N GLN B 89 5.44 6.74 3.35
CA GLN B 89 4.76 6.82 2.06
C GLN B 89 4.63 8.29 1.65
N GLN B 90 5.05 8.61 0.42
CA GLN B 90 4.73 9.90 -0.18
C GLN B 90 3.53 9.72 -1.11
N TYR B 91 2.51 10.58 -0.94
CA TYR B 91 1.21 10.30 -1.53
C TYR B 91 0.76 11.37 -2.54
N ASP B 92 1.41 12.55 -2.54
CA ASP B 92 0.93 13.70 -3.29
C ASP B 92 1.52 13.74 -4.71
N ASN B 93 2.34 12.74 -5.05
CA ASN B 93 2.97 12.68 -6.35
C ASN B 93 2.84 11.27 -6.91
N LEU B 94 2.44 11.18 -8.18
CA LEU B 94 2.38 9.89 -8.87
C LEU B 94 3.70 9.65 -9.59
N PRO B 95 4.22 8.42 -9.53
CA PRO B 95 3.63 7.30 -8.80
C PRO B 95 3.83 7.44 -7.30
N ILE B 96 2.83 6.97 -6.53
CA ILE B 96 2.93 6.92 -5.08
C ILE B 96 4.04 5.95 -4.72
N THR B 97 4.90 6.34 -3.77
CA THR B 97 6.06 5.53 -3.43
C THR B 97 6.19 5.37 -1.92
N PHE B 98 6.73 4.21 -1.51
CA PHE B 98 6.92 3.81 -0.12
C PHE B 98 8.41 3.61 0.15
N GLY B 99 8.81 3.85 1.40
CA GLY B 99 10.10 3.39 1.91
C GLY B 99 10.18 1.87 1.94
N GLN B 100 11.39 1.34 2.15
CA GLN B 100 11.65 -0.09 2.05
C GLN B 100 11.15 -0.82 3.30
N GLY B 101 10.91 -0.06 4.38
CA GLY B 101 10.46 -0.63 5.63
C GLY B 101 11.55 -0.67 6.69
N THR B 102 11.13 -0.57 7.96
CA THR B 102 11.96 -0.82 9.13
C THR B 102 11.31 -1.93 9.96
N ARG B 103 11.98 -3.08 10.03
CA ARG B 103 11.51 -4.20 10.84
C ARG B 103 11.96 -3.97 12.29
N LEU B 104 10.99 -3.87 13.19
CA LEU B 104 11.25 -3.58 14.59
C LEU B 104 11.12 -4.86 15.42
N GLU B 105 12.24 -5.19 16.09
CA GLU B 105 12.44 -6.39 16.88
C GLU B 105 12.66 -5.97 18.33
N ILE B 106 12.22 -6.81 19.28
CA ILE B 106 12.41 -6.52 20.70
C ILE B 106 13.47 -7.44 21.31
N LYS B 107 14.36 -6.83 22.12
CA LYS B 107 15.31 -7.50 22.98
C LYS B 107 14.68 -7.72 24.36
N ARG B 108 14.87 -8.93 24.91
CA ARG B 108 14.39 -9.28 26.23
C ARG B 108 15.34 -10.29 26.88
N THR B 109 14.98 -10.76 28.08
CA THR B 109 15.75 -11.75 28.82
C THR B 109 15.58 -13.12 28.16
N VAL B 110 16.57 -13.99 28.37
CA VAL B 110 16.57 -15.35 27.84
C VAL B 110 15.37 -16.12 28.40
N ALA B 111 14.78 -16.96 27.54
CA ALA B 111 13.63 -17.77 27.91
C ALA B 111 13.78 -19.17 27.31
N ALA B 112 13.64 -20.19 28.16
CA ALA B 112 13.79 -21.58 27.77
C ALA B 112 12.49 -22.07 27.11
N PRO B 113 12.55 -22.77 25.95
CA PRO B 113 11.36 -23.30 25.31
C PRO B 113 10.77 -24.49 26.08
N SER B 114 9.43 -24.54 26.12
CA SER B 114 8.72 -25.77 26.42
C SER B 114 8.71 -26.61 25.15
N VAL B 115 9.21 -27.85 25.26
CA VAL B 115 9.44 -28.69 24.09
C VAL B 115 8.42 -29.83 24.09
N PHE B 116 7.80 -30.06 22.92
CA PHE B 116 6.88 -31.16 22.72
C PHE B 116 7.25 -31.92 21.43
N ILE B 117 6.99 -33.24 21.42
CA ILE B 117 7.23 -34.07 20.25
C ILE B 117 5.94 -34.82 19.89
N PHE B 118 5.67 -34.90 18.58
CA PHE B 118 4.46 -35.53 18.06
C PHE B 118 4.82 -36.63 17.07
N PRO B 119 4.33 -37.89 17.25
CA PRO B 119 4.51 -38.94 16.24
C PRO B 119 3.60 -38.72 15.03
N PRO B 120 3.90 -39.33 13.86
CA PRO B 120 2.95 -39.39 12.75
C PRO B 120 1.61 -40.03 13.14
N SER B 121 0.53 -39.53 12.53
CA SER B 121 -0.80 -40.11 12.68
C SER B 121 -0.89 -41.40 11.89
N ASP B 122 -1.81 -42.28 12.31
CA ASP B 122 -2.14 -43.50 11.59
C ASP B 122 -2.62 -43.17 10.17
N GLU B 123 -3.43 -42.10 10.06
CA GLU B 123 -4.02 -41.63 8.82
C GLU B 123 -2.94 -41.34 7.77
N GLN B 124 -1.86 -40.69 8.21
CA GLN B 124 -0.81 -40.22 7.32
C GLN B 124 0.08 -41.37 6.87
N LEU B 125 0.34 -42.32 7.78
CA LEU B 125 1.18 -43.48 7.52
C LEU B 125 0.62 -44.31 6.37
N LYS B 126 -0.72 -44.34 6.27
CA LYS B 126 -1.45 -45.03 5.21
C LYS B 126 -1.10 -44.45 3.83
N SER B 127 -0.70 -43.17 3.82
CA SER B 127 -0.33 -42.47 2.60
C SER B 127 1.07 -42.88 2.15
N GLY B 128 1.91 -43.29 3.10
CA GLY B 128 3.24 -43.82 2.82
C GLY B 128 4.35 -42.83 3.16
N THR B 129 4.03 -41.81 3.96
CA THR B 129 4.99 -40.82 4.43
C THR B 129 4.80 -40.61 5.93
N ALA B 130 5.90 -40.29 6.60
CA ALA B 130 5.93 -40.01 8.03
C ALA B 130 6.46 -38.61 8.28
N SER B 131 5.63 -37.77 8.92
CA SER B 131 6.04 -36.48 9.43
C SER B 131 6.09 -36.53 10.95
N VAL B 132 7.28 -36.25 11.49
CA VAL B 132 7.51 -36.13 12.93
C VAL B 132 7.73 -34.65 13.24
N VAL B 133 6.96 -34.13 14.20
CA VAL B 133 6.94 -32.70 14.51
C VAL B 133 7.43 -32.45 15.93
N CYS B 134 8.39 -31.53 16.04
CA CYS B 134 8.95 -31.03 17.29
C CYS B 134 8.58 -29.56 17.45
N LEU B 135 8.01 -29.21 18.61
CA LEU B 135 7.55 -27.85 18.92
C LEU B 135 8.38 -27.26 20.06
N LEU B 136 8.92 -26.05 19.81
CA LEU B 136 9.61 -25.23 20.79
C LEU B 136 8.73 -24.03 21.09
N ASN B 137 8.24 -23.94 22.33
CA ASN B 137 7.17 -23.02 22.68
C ASN B 137 7.69 -21.91 23.59
N ASN B 138 7.45 -20.65 23.18
CA ASN B 138 7.63 -19.44 23.98
C ASN B 138 9.06 -19.32 24.49
N PHE B 139 10.00 -19.01 23.59
CA PHE B 139 11.40 -18.93 23.94
C PHE B 139 12.03 -17.63 23.43
N TYR B 140 13.20 -17.31 23.99
CA TYR B 140 14.06 -16.22 23.55
C TYR B 140 15.50 -16.56 23.95
N PRO B 141 16.50 -16.32 23.07
CA PRO B 141 16.42 -15.61 21.80
C PRO B 141 15.97 -16.48 20.63
N ARG B 142 15.93 -15.85 19.44
CA ARG B 142 15.51 -16.45 18.18
C ARG B 142 16.34 -17.70 17.88
N GLU B 143 17.64 -17.63 18.16
CA GLU B 143 18.61 -18.62 17.72
C GLU B 143 18.65 -19.79 18.70
N ALA B 144 18.35 -20.99 18.17
CA ALA B 144 18.47 -22.25 18.88
C ALA B 144 18.83 -23.34 17.87
N LYS B 145 19.62 -24.33 18.31
CA LYS B 145 19.95 -25.49 17.50
C LYS B 145 18.89 -26.56 17.74
N VAL B 146 18.30 -27.06 16.64
CA VAL B 146 17.39 -28.19 16.70
C VAL B 146 18.00 -29.32 15.87
N GLN B 147 18.19 -30.47 16.52
CA GLN B 147 18.80 -31.64 15.90
C GLN B 147 17.88 -32.84 16.06
N TRP B 148 17.77 -33.62 14.98
CA TRP B 148 16.96 -34.82 14.94
C TRP B 148 17.83 -36.06 15.17
N LYS B 149 17.33 -36.97 16.00
CA LYS B 149 18.03 -38.20 16.34
C LYS B 149 17.08 -39.38 16.21
N VAL B 150 17.50 -40.39 15.44
CA VAL B 150 16.72 -41.58 15.15
C VAL B 150 17.58 -42.80 15.48
N ASP B 151 17.29 -43.40 16.64
CA ASP B 151 18.13 -44.40 17.28
C ASP B 151 19.53 -43.83 17.51
N ASN B 152 19.58 -42.61 18.06
CA ASN B 152 20.78 -41.87 18.43
C ASN B 152 21.63 -41.52 17.20
N ALA B 153 21.01 -41.52 16.01
CA ALA B 153 21.70 -41.19 14.77
C ALA B 153 21.24 -39.81 14.28
N LEU B 154 22.22 -38.92 14.03
CA LEU B 154 21.98 -37.52 13.74
C LEU B 154 21.56 -37.34 12.28
N GLN B 155 20.34 -36.83 12.09
CA GLN B 155 19.75 -36.63 10.77
C GLN B 155 20.30 -35.33 10.18
N SER B 156 20.33 -35.27 8.84
CA SER B 156 20.84 -34.11 8.12
C SER B 156 20.08 -33.94 6.81
N GLY B 157 19.48 -32.74 6.64
CA GLY B 157 18.86 -32.29 5.40
C GLY B 157 17.64 -33.12 5.02
N ASN B 158 16.71 -33.27 5.97
CA ASN B 158 15.48 -34.03 5.83
C ASN B 158 14.45 -33.49 6.82
N SER B 159 14.72 -32.31 7.36
CA SER B 159 13.83 -31.57 8.24
C SER B 159 13.72 -30.12 7.77
N GLN B 160 12.62 -29.46 8.16
CA GLN B 160 12.38 -28.05 7.86
C GLN B 160 11.84 -27.36 9.11
N GLU B 161 12.24 -26.10 9.30
CA GLU B 161 11.86 -25.30 10.46
C GLU B 161 11.08 -24.06 10.01
N SER B 162 10.11 -23.64 10.82
CA SER B 162 9.54 -22.31 10.71
C SER B 162 9.35 -21.69 12.10
N VAL B 163 9.59 -20.38 12.16
CA VAL B 163 9.51 -19.59 13.38
C VAL B 163 8.33 -18.63 13.25
N THR B 164 7.54 -18.50 14.33
CA THR B 164 6.44 -17.55 14.40
C THR B 164 6.98 -16.13 14.50
N GLU B 165 6.14 -15.16 14.16
CA GLU B 165 6.38 -13.75 14.44
C GLU B 165 6.53 -13.58 15.96
N GLN B 166 7.46 -12.71 16.36
CA GLN B 166 7.72 -12.41 17.76
C GLN B 166 6.40 -12.01 18.44
N ASP B 167 6.13 -12.65 19.59
CA ASP B 167 4.88 -12.49 20.32
C ASP B 167 4.72 -11.05 20.80
N SER B 168 3.48 -10.54 20.73
CA SER B 168 3.20 -9.14 20.95
C SER B 168 2.88 -8.84 22.40
N LYS B 169 2.82 -9.89 23.24
CA LYS B 169 2.57 -9.74 24.67
C LYS B 169 3.87 -9.98 25.45
N ASP B 170 4.56 -11.10 25.15
CA ASP B 170 5.66 -11.56 26.00
C ASP B 170 7.01 -11.54 25.26
N SER B 171 6.99 -11.21 23.95
CA SER B 171 8.16 -10.98 23.11
C SER B 171 8.96 -12.26 22.85
N THR B 172 8.31 -13.42 22.97
CA THR B 172 8.97 -14.70 22.75
C THR B 172 8.68 -15.21 21.33
N TYR B 173 9.50 -16.17 20.89
CA TYR B 173 9.33 -16.86 19.62
C TYR B 173 8.83 -18.29 19.88
N SER B 174 8.39 -18.94 18.81
CA SER B 174 8.10 -20.36 18.77
C SER B 174 8.58 -20.95 17.45
N LEU B 175 9.03 -22.21 17.50
CA LEU B 175 9.59 -22.90 16.34
C LEU B 175 8.95 -24.28 16.23
N SER B 176 8.56 -24.64 15.00
CA SER B 176 8.15 -26.00 14.67
C SER B 176 9.17 -26.60 13.71
N SER B 177 9.65 -27.81 14.03
CA SER B 177 10.52 -28.56 13.14
C SER B 177 9.82 -29.85 12.73
N THR B 178 9.82 -30.13 11.43
CA THR B 178 9.21 -31.34 10.90
C THR B 178 10.30 -32.21 10.26
N LEU B 179 10.41 -33.44 10.78
CA LEU B 179 11.24 -34.47 10.18
C LEU B 179 10.37 -35.30 9.24
N THR B 180 10.84 -35.47 7.99
CA THR B 180 10.09 -36.14 6.94
C THR B 180 10.82 -37.42 6.53
N LEU B 181 10.11 -38.55 6.64
CA LEU B 181 10.63 -39.87 6.30
C LEU B 181 9.61 -40.63 5.47
N SER B 182 10.09 -41.60 4.68
CA SER B 182 9.22 -42.59 4.06
C SER B 182 8.68 -43.51 5.16
N LYS B 183 7.53 -44.14 4.88
CA LYS B 183 6.87 -45.02 5.82
C LYS B 183 7.79 -46.18 6.19
N ALA B 184 8.50 -46.70 5.18
CA ALA B 184 9.43 -47.82 5.32
C ALA B 184 10.52 -47.50 6.34
N ASP B 185 11.02 -46.26 6.31
CA ASP B 185 12.10 -45.83 7.19
C ASP B 185 11.58 -45.63 8.61
N TYR B 186 10.35 -45.14 8.76
CA TYR B 186 9.77 -44.88 10.07
C TYR B 186 9.57 -46.17 10.86
N GLU B 187 9.30 -47.27 10.15
CA GLU B 187 9.08 -48.57 10.79
C GLU B 187 10.41 -49.30 10.98
N LYS B 188 11.47 -48.80 10.33
CA LYS B 188 12.81 -49.36 10.49
C LYS B 188 13.39 -49.00 11.87
N HIS B 189 12.97 -47.86 12.43
CA HIS B 189 13.59 -47.36 13.66
C HIS B 189 12.58 -47.27 14.81
N LYS B 190 13.11 -47.13 16.03
CA LYS B 190 12.34 -47.21 17.26
C LYS B 190 12.26 -45.84 17.94
N VAL B 191 13.42 -45.22 18.18
CA VAL B 191 13.51 -44.06 19.05
C VAL B 191 13.65 -42.79 18.21
N TYR B 192 12.72 -41.86 18.41
CA TYR B 192 12.68 -40.59 17.70
C TYR B 192 12.82 -39.44 18.69
N ALA B 193 13.84 -38.61 18.47
CA ALA B 193 14.25 -37.59 19.44
C ALA B 193 14.56 -36.27 18.75
N CYS B 194 14.07 -35.19 19.39
CA CYS B 194 14.35 -33.81 19.02
CA CYS B 194 14.44 -33.84 18.98
C CYS B 194 15.20 -33.15 20.11
N GLU B 195 16.41 -32.69 19.74
CA GLU B 195 17.38 -32.13 20.66
C GLU B 195 17.47 -30.61 20.46
N VAL B 196 17.24 -29.87 21.55
CA VAL B 196 17.18 -28.41 21.55
C VAL B 196 18.36 -27.89 22.37
N THR B 197 19.25 -27.15 21.70
CA THR B 197 20.43 -26.59 22.34
C THR B 197 20.31 -25.06 22.42
N GLN B 198 20.32 -24.55 23.66
CA GLN B 198 20.41 -23.13 23.96
C GLN B 198 21.54 -22.91 24.97
N GLY B 199 22.67 -22.36 24.48
CA GLY B 199 23.82 -22.08 25.31
C GLY B 199 24.67 -23.34 25.53
N THR B 200 24.63 -23.86 26.76
CA THR B 200 25.36 -25.07 27.12
C THR B 200 24.40 -26.09 27.74
N THR B 201 23.09 -25.82 27.62
CA THR B 201 22.06 -26.75 28.04
C THR B 201 21.35 -27.30 26.80
N SER B 202 21.16 -28.62 26.79
CA SER B 202 20.37 -29.30 25.77
C SER B 202 19.20 -30.03 26.43
N VAL B 203 18.02 -29.91 25.82
CA VAL B 203 16.83 -30.62 26.25
C VAL B 203 16.35 -31.49 25.08
N THR B 204 16.11 -32.77 25.38
CA THR B 204 15.68 -33.75 24.39
C THR B 204 14.32 -34.32 24.80
N LYS B 205 13.34 -34.15 23.90
CA LYS B 205 12.09 -34.88 23.99
C LYS B 205 12.12 -36.03 22.99
N SER B 206 11.47 -37.14 23.36
CA SER B 206 11.52 -38.35 22.56
C SER B 206 10.22 -39.15 22.71
N PHE B 207 10.05 -40.10 21.80
CA PHE B 207 9.06 -41.16 21.91
C PHE B 207 9.64 -42.43 21.30
N ASN B 208 9.18 -43.58 21.79
CA ASN B 208 9.47 -44.88 21.21
C ASN B 208 8.30 -45.28 20.33
N ARG B 209 8.59 -45.62 19.11
CA ARG B 209 7.60 -45.90 18.09
C ARG B 209 6.69 -47.04 18.51
N GLY B 210 7.26 -48.12 19.00
CA GLY B 210 6.49 -49.24 19.51
C GLY B 210 5.48 -48.77 20.56
N GLU B 211 5.99 -48.18 21.64
CA GLU B 211 5.18 -47.69 22.75
C GLU B 211 4.55 -46.34 22.36
N ASN C 6 -3.56 51.03 -31.57
CA ASN C 6 -3.75 50.45 -30.20
C ASN C 6 -3.04 49.11 -30.13
N LEU C 7 -2.01 49.04 -29.28
CA LEU C 7 -1.30 47.79 -29.03
C LEU C 7 -2.12 46.97 -28.04
N CYS C 8 -2.19 45.64 -28.28
CA CYS C 8 -2.90 44.73 -27.40
C CYS C 8 -2.31 44.76 -25.99
N PRO C 9 -3.16 44.76 -24.95
CA PRO C 9 -2.72 44.92 -23.56
C PRO C 9 -2.15 43.64 -22.93
N PHE C 10 -1.10 43.10 -23.56
CA PHE C 10 -0.43 41.92 -23.04
C PHE C 10 0.33 42.26 -21.77
N GLY C 11 0.77 43.53 -21.65
CA GLY C 11 1.42 44.03 -20.44
C GLY C 11 0.57 43.76 -19.20
N GLU C 12 -0.73 44.02 -19.32
CA GLU C 12 -1.63 43.87 -18.19
C GLU C 12 -1.84 42.40 -17.85
N VAL C 13 -1.70 41.54 -18.87
CA VAL C 13 -1.88 40.10 -18.74
C VAL C 13 -0.65 39.47 -18.09
N PHE C 14 0.55 39.80 -18.60
CA PHE C 14 1.75 39.10 -18.19
C PHE C 14 2.44 39.78 -17.01
N ASN C 15 2.25 41.10 -16.88
CA ASN C 15 2.99 41.86 -15.89
C ASN C 15 2.10 42.24 -14.71
N ALA C 16 0.92 41.62 -14.63
CA ALA C 16 -0.01 41.91 -13.53
C ALA C 16 0.65 41.66 -12.17
N THR C 17 0.35 42.52 -11.18
CA THR C 17 0.87 42.34 -9.82
C THR C 17 0.35 41.03 -9.23
N ARG C 18 -0.97 40.81 -9.39
CA ARG C 18 -1.62 39.69 -8.76
C ARG C 18 -2.20 38.77 -9.83
N PHE C 19 -2.25 37.46 -9.51
CA PHE C 19 -2.83 36.42 -10.33
C PHE C 19 -3.94 35.66 -9.58
N ALA C 20 -4.85 35.07 -10.36
CA ALA C 20 -5.97 34.26 -9.89
C ALA C 20 -5.51 32.91 -9.36
N SER C 21 -6.27 32.37 -8.38
CA SER C 21 -6.20 30.94 -8.14
C SER C 21 -6.75 30.17 -9.34
N VAL C 22 -6.25 28.95 -9.53
CA VAL C 22 -6.62 28.12 -10.67
C VAL C 22 -8.11 27.74 -10.64
N TYR C 23 -8.68 27.45 -9.45
CA TYR C 23 -10.09 27.10 -9.42
C TYR C 23 -10.95 28.28 -9.89
N ALA C 24 -10.50 29.51 -9.56
CA ALA C 24 -11.18 30.75 -9.93
C ALA C 24 -10.44 31.47 -11.06
N TRP C 25 -10.03 30.70 -12.06
CA TRP C 25 -9.12 31.21 -13.08
C TRP C 25 -9.69 32.42 -13.82
N ASN C 26 -8.80 33.38 -14.14
CA ASN C 26 -9.22 34.64 -14.71
C ASN C 26 -9.20 34.54 -16.23
N ARG C 27 -10.21 35.16 -16.87
CA ARG C 27 -10.28 35.35 -18.31
C ARG C 27 -10.34 36.85 -18.64
N LYS C 28 -9.48 37.27 -19.56
CA LYS C 28 -9.53 38.61 -20.13
C LYS C 28 -9.69 38.49 -21.64
N ARG C 29 -10.70 39.16 -22.19
CA ARG C 29 -10.91 39.25 -23.63
C ARG C 29 -10.00 40.32 -24.21
N ILE C 30 -9.30 39.95 -25.29
CA ILE C 30 -8.43 40.82 -26.06
C ILE C 30 -9.11 41.07 -27.39
N SER C 31 -9.36 42.36 -27.70
CA SER C 31 -10.13 42.81 -28.85
C SER C 31 -9.56 44.10 -29.41
N ASN C 32 -9.75 44.30 -30.73
CA ASN C 32 -9.63 45.59 -31.40
C ASN C 32 -8.24 46.20 -31.17
N CYS C 33 -7.20 45.42 -31.48
CA CYS C 33 -5.84 45.86 -31.19
C CYS C 33 -4.83 45.15 -32.08
N VAL C 34 -3.61 45.70 -32.12
CA VAL C 34 -2.47 45.12 -32.80
C VAL C 34 -1.69 44.32 -31.77
N ALA C 35 -1.51 43.02 -32.04
CA ALA C 35 -0.88 42.10 -31.11
C ALA C 35 0.54 41.76 -31.59
N ASP C 36 1.53 42.30 -30.88
CA ASP C 36 2.93 41.98 -31.13
C ASP C 36 3.34 40.80 -30.25
N TYR C 37 3.43 39.62 -30.87
CA TYR C 37 3.69 38.37 -30.18
C TYR C 37 5.18 38.13 -29.99
N SER C 38 6.01 38.96 -30.64
CA SER C 38 7.46 38.79 -30.63
C SER C 38 8.06 39.10 -29.26
N VAL C 39 7.48 40.10 -28.57
CA VAL C 39 7.83 40.47 -27.21
C VAL C 39 7.73 39.24 -26.30
N LEU C 40 6.99 38.22 -26.76
CA LEU C 40 6.72 37.00 -25.99
C LEU C 40 7.64 35.87 -26.44
N TYR C 41 7.56 35.44 -27.71
CA TYR C 41 8.23 34.22 -28.15
C TYR C 41 9.75 34.37 -28.16
N ASN C 42 10.23 35.62 -28.18
CA ASN C 42 11.66 35.92 -28.22
C ASN C 42 12.23 36.06 -26.81
N SER C 43 11.38 35.87 -25.79
CA SER C 43 11.76 36.21 -24.44
C SER C 43 12.33 35.01 -23.68
N ALA C 44 13.36 35.27 -22.87
CA ALA C 44 13.99 34.26 -22.03
C ALA C 44 13.20 34.11 -20.73
N SER C 45 12.15 34.92 -20.60
CA SER C 45 11.36 35.00 -19.38
C SER C 45 10.45 33.79 -19.18
N PHE C 46 10.16 33.05 -20.25
CA PHE C 46 9.15 32.01 -20.22
C PHE C 46 9.77 30.62 -20.37
N SER C 47 9.46 29.74 -19.42
CA SER C 47 10.02 28.39 -19.41
C SER C 47 9.11 27.39 -20.10
N THR C 48 7.85 27.79 -20.34
CA THR C 48 6.93 27.05 -21.20
C THR C 48 6.41 28.04 -22.23
N PHE C 49 6.49 27.65 -23.51
CA PHE C 49 5.88 28.41 -24.57
C PHE C 49 5.52 27.41 -25.64
N LYS C 50 4.28 26.91 -25.55
CA LYS C 50 3.83 25.81 -26.38
C LYS C 50 2.60 26.27 -27.16
N CYS C 51 2.65 26.10 -28.47
CA CYS C 51 1.57 26.58 -29.32
C CYS C 51 0.92 25.40 -30.04
N TYR C 52 -0.40 25.51 -30.23
CA TYR C 52 -1.25 24.43 -30.73
C TYR C 52 -2.11 25.00 -31.87
N GLY C 53 -2.02 24.35 -33.03
CA GLY C 53 -2.80 24.71 -34.21
C GLY C 53 -2.27 25.96 -34.92
N VAL C 54 -1.20 26.56 -34.38
CA VAL C 54 -0.49 27.68 -34.96
C VAL C 54 1.02 27.46 -34.78
N SER C 55 1.83 28.12 -35.61
CA SER C 55 3.28 28.17 -35.42
C SER C 55 3.66 29.49 -34.75
N PRO C 56 4.35 29.46 -33.57
CA PRO C 56 4.64 30.67 -32.81
C PRO C 56 5.41 31.73 -33.60
N THR C 57 6.24 31.26 -34.55
CA THR C 57 7.06 32.14 -35.38
C THR C 57 6.20 32.91 -36.37
N LYS C 58 5.00 32.38 -36.67
CA LYS C 58 4.11 32.92 -37.68
C LYS C 58 3.02 33.80 -37.04
N LEU C 59 3.07 33.97 -35.71
CA LEU C 59 1.99 34.62 -34.96
C LEU C 59 1.77 36.06 -35.40
N ASN C 60 2.87 36.77 -35.70
CA ASN C 60 2.81 38.19 -36.06
C ASN C 60 2.18 38.38 -37.44
N ASP C 61 1.89 37.28 -38.15
CA ASP C 61 1.30 37.34 -39.47
C ASP C 61 -0.22 37.13 -39.45
N LEU C 62 -0.76 36.59 -38.33
CA LEU C 62 -2.12 36.08 -38.31
C LEU C 62 -3.09 37.09 -37.67
N CYS C 63 -4.37 37.01 -38.07
CA CYS C 63 -5.49 37.75 -37.50
C CYS C 63 -6.52 36.76 -36.95
N PHE C 64 -7.15 37.13 -35.81
CA PHE C 64 -8.19 36.34 -35.16
C PHE C 64 -9.37 37.25 -34.81
N THR C 65 -10.58 36.65 -34.68
CA THR C 65 -11.78 37.37 -34.26
C THR C 65 -11.54 37.97 -32.87
N ASN C 66 -11.17 37.10 -31.92
CA ASN C 66 -10.81 37.52 -30.57
C ASN C 66 -9.71 36.62 -30.04
N VAL C 67 -8.99 37.14 -29.05
CA VAL C 67 -8.06 36.37 -28.25
C VAL C 67 -8.56 36.42 -26.81
N TYR C 68 -8.54 35.27 -26.13
CA TYR C 68 -8.80 35.22 -24.71
C TYR C 68 -7.51 34.84 -23.99
N ALA C 69 -7.23 35.57 -22.90
CA ALA C 69 -6.08 35.33 -22.05
C ALA C 69 -6.57 34.86 -20.68
N ASP C 70 -6.41 33.56 -20.44
CA ASP C 70 -6.77 32.91 -19.19
C ASP C 70 -5.51 32.80 -18.35
N SER C 71 -5.62 33.16 -17.06
CA SER C 71 -4.42 33.24 -16.24
C SER C 71 -4.70 32.77 -14.81
N PHE C 72 -3.68 32.15 -14.21
CA PHE C 72 -3.78 31.51 -12.90
C PHE C 72 -2.41 31.01 -12.43
N VAL C 73 -2.38 30.57 -11.17
CA VAL C 73 -1.19 29.99 -10.54
C VAL C 73 -1.46 28.53 -10.21
N ILE C 74 -0.45 27.68 -10.51
CA ILE C 74 -0.37 26.28 -10.12
C ILE C 74 1.06 25.98 -9.68
N ARG C 75 1.31 24.75 -9.22
CA ARG C 75 2.66 24.41 -8.79
C ARG C 75 3.41 23.88 -10.01
N GLY C 76 4.74 23.88 -9.91
CA GLY C 76 5.63 23.56 -11.03
C GLY C 76 5.27 22.25 -11.74
N ASP C 77 5.13 21.17 -10.95
CA ASP C 77 4.89 19.84 -11.48
C ASP C 77 3.50 19.67 -12.11
N GLU C 78 2.65 20.72 -12.06
CA GLU C 78 1.33 20.66 -12.68
C GLU C 78 1.27 21.35 -14.05
N VAL C 79 2.33 22.08 -14.42
CA VAL C 79 2.28 22.89 -15.63
C VAL C 79 2.02 22.00 -16.85
N ARG C 80 2.49 20.74 -16.80
CA ARG C 80 2.33 19.78 -17.89
C ARG C 80 0.86 19.45 -18.15
N GLN C 81 0.00 19.68 -17.16
CA GLN C 81 -1.41 19.37 -17.29
C GLN C 81 -2.13 20.41 -18.16
N ILE C 82 -1.54 21.60 -18.32
CA ILE C 82 -2.14 22.66 -19.12
C ILE C 82 -1.71 22.46 -20.58
N ALA C 83 -2.30 21.43 -21.20
CA ALA C 83 -2.08 21.03 -22.58
C ALA C 83 -3.26 20.18 -23.03
N PRO C 84 -3.66 20.22 -24.33
CA PRO C 84 -4.75 19.37 -24.81
C PRO C 84 -4.44 17.89 -24.58
N GLY C 85 -5.47 17.17 -24.14
CA GLY C 85 -5.43 15.72 -23.97
C GLY C 85 -4.80 15.26 -22.66
N GLN C 86 -4.49 16.20 -21.75
CA GLN C 86 -3.89 15.86 -20.47
C GLN C 86 -4.98 15.57 -19.44
N THR C 87 -4.62 14.80 -18.41
CA THR C 87 -5.50 14.54 -17.28
C THR C 87 -4.76 14.80 -15.97
N GLY C 88 -5.51 14.89 -14.87
CA GLY C 88 -4.93 15.09 -13.55
C GLY C 88 -5.84 16.01 -12.75
N LYS C 89 -5.47 16.30 -11.50
CA LYS C 89 -6.35 17.08 -10.63
C LYS C 89 -6.64 18.46 -11.22
N ILE C 90 -5.65 19.07 -11.88
CA ILE C 90 -5.77 20.41 -12.44
C ILE C 90 -6.60 20.35 -13.71
N ALA C 91 -6.18 19.52 -14.68
CA ALA C 91 -6.92 19.34 -15.93
C ALA C 91 -8.37 18.91 -15.66
N ASP C 92 -8.58 17.97 -14.75
CA ASP C 92 -9.90 17.38 -14.53
C ASP C 92 -10.81 18.32 -13.74
N TYR C 93 -10.27 18.99 -12.71
CA TYR C 93 -11.17 19.60 -11.72
C TYR C 93 -11.00 21.12 -11.63
N ASN C 94 -10.08 21.71 -12.42
CA ASN C 94 -9.74 23.12 -12.22
C ASN C 94 -9.75 23.92 -13.53
N TYR C 95 -8.93 23.49 -14.51
CA TYR C 95 -8.83 24.20 -15.78
C TYR C 95 -8.55 23.21 -16.89
N LYS C 96 -9.42 23.18 -17.90
CA LYS C 96 -9.41 22.16 -18.93
C LYS C 96 -9.32 22.78 -20.32
N LEU C 97 -8.30 22.36 -21.08
CA LEU C 97 -8.17 22.71 -22.48
C LEU C 97 -8.92 21.67 -23.32
N PRO C 98 -9.54 22.07 -24.46
CA PRO C 98 -10.13 21.13 -25.40
C PRO C 98 -9.06 20.40 -26.21
N ASP C 99 -9.43 19.22 -26.73
CA ASP C 99 -8.56 18.39 -27.55
C ASP C 99 -8.11 19.15 -28.80
N ASP C 100 -8.99 20.01 -29.32
CA ASP C 100 -8.78 20.71 -30.58
C ASP C 100 -8.36 22.17 -30.33
N PHE C 101 -7.67 22.40 -29.20
CA PHE C 101 -7.23 23.74 -28.79
C PHE C 101 -6.42 24.40 -29.90
N THR C 102 -6.74 25.68 -30.16
CA THR C 102 -5.93 26.57 -30.97
C THR C 102 -5.50 27.76 -30.11
N GLY C 103 -4.20 27.82 -29.82
CA GLY C 103 -3.65 28.88 -28.97
C GLY C 103 -2.29 28.51 -28.40
N CYS C 104 -1.86 29.26 -27.38
CA CYS C 104 -0.55 29.05 -26.77
C CYS C 104 -0.65 28.99 -25.25
N VAL C 105 0.20 28.14 -24.67
CA VAL C 105 0.39 27.98 -23.23
C VAL C 105 1.75 28.56 -22.86
N ILE C 106 1.72 29.56 -21.96
CA ILE C 106 2.91 30.29 -21.55
C ILE C 106 2.98 30.24 -20.03
N ALA C 107 4.14 29.83 -19.50
CA ALA C 107 4.35 29.73 -18.06
C ALA C 107 5.75 30.19 -17.68
N TRP C 108 5.82 30.70 -16.44
CA TRP C 108 7.08 31.10 -15.83
C TRP C 108 7.02 30.93 -14.32
N ASN C 109 8.20 30.75 -13.74
CA ASN C 109 8.37 30.57 -12.31
C ASN C 109 8.11 31.90 -11.60
N SER C 110 7.18 31.88 -10.61
CA SER C 110 6.85 33.11 -9.91
C SER C 110 7.21 33.01 -8.42
N ASN C 111 8.15 32.14 -8.08
CA ASN C 111 8.59 31.92 -6.71
C ASN C 111 8.84 33.25 -5.99
N ASN C 112 9.43 34.23 -6.69
CA ASN C 112 9.87 35.48 -6.08
C ASN C 112 8.70 36.38 -5.69
N LEU C 113 7.53 36.16 -6.31
CA LEU C 113 6.36 37.00 -6.10
C LEU C 113 5.30 36.25 -5.31
N ASP C 114 5.21 34.92 -5.47
CA ASP C 114 4.05 34.19 -4.98
C ASP C 114 4.36 33.31 -3.76
N SER C 115 5.65 33.15 -3.42
CA SER C 115 6.07 32.48 -2.20
CA SER C 115 6.07 32.48 -2.20
C SER C 115 6.31 33.52 -1.10
N LYS C 116 6.24 33.07 0.16
CA LYS C 116 6.53 33.90 1.32
C LYS C 116 7.26 33.03 2.34
N VAL C 117 8.23 33.63 3.04
CA VAL C 117 8.83 32.99 4.19
C VAL C 117 7.71 32.73 5.19
N GLY C 118 7.56 31.47 5.61
CA GLY C 118 6.47 31.04 6.48
C GLY C 118 5.30 30.43 5.70
N GLY C 119 5.33 30.60 4.38
CA GLY C 119 4.36 29.99 3.46
C GLY C 119 3.25 30.95 3.07
N ASN C 120 2.91 30.96 1.77
CA ASN C 120 1.79 31.69 1.20
C ASN C 120 0.69 30.66 0.94
N TYR C 121 -0.46 30.83 1.59
CA TYR C 121 -1.53 29.84 1.52
C TYR C 121 -2.73 30.35 0.74
N ASN C 122 -2.60 31.54 0.12
CA ASN C 122 -3.72 32.21 -0.52
C ASN C 122 -4.13 31.61 -1.87
N TYR C 123 -3.25 30.83 -2.53
CA TYR C 123 -3.61 30.15 -3.77
C TYR C 123 -4.22 28.79 -3.47
N LEU C 124 -5.40 28.53 -4.09
CA LEU C 124 -6.17 27.31 -3.88
C LEU C 124 -6.33 26.54 -5.20
N TYR C 125 -6.55 25.23 -5.07
CA TYR C 125 -7.02 24.39 -6.15
C TYR C 125 -8.13 23.45 -5.66
N ARG C 126 -8.96 22.96 -6.59
CA ARG C 126 -10.02 22.00 -6.30
C ARG C 126 -9.46 20.58 -6.32
N LEU C 127 -9.63 19.88 -5.18
CA LEU C 127 -9.14 18.53 -4.95
C LEU C 127 -10.24 17.49 -5.16
N PHE C 128 -11.49 17.83 -4.80
CA PHE C 128 -12.62 16.90 -4.87
C PHE C 128 -13.69 17.48 -5.78
N ARG C 129 -14.14 16.64 -6.74
CA ARG C 129 -15.19 16.94 -7.70
C ARG C 129 -15.68 15.62 -8.26
N LYS C 130 -17.00 15.51 -8.44
CA LYS C 130 -17.62 14.25 -8.82
C LYS C 130 -17.30 13.90 -10.27
N SER C 131 -17.20 14.93 -11.11
CA SER C 131 -16.96 14.73 -12.53
C SER C 131 -15.95 15.72 -13.07
N ASN C 132 -15.44 15.45 -14.28
CA ASN C 132 -14.45 16.30 -14.92
C ASN C 132 -15.11 17.56 -15.49
N LEU C 133 -14.37 18.67 -15.45
CA LEU C 133 -14.76 19.92 -16.09
C LEU C 133 -14.84 19.71 -17.60
N LYS C 134 -15.78 20.41 -18.25
CA LYS C 134 -15.80 20.56 -19.69
C LYS C 134 -14.71 21.57 -20.06
N PRO C 135 -14.20 21.60 -21.32
CA PRO C 135 -13.20 22.60 -21.70
C PRO C 135 -13.70 24.02 -21.43
N PHE C 136 -12.83 24.81 -20.77
CA PHE C 136 -13.03 26.22 -20.46
C PHE C 136 -14.12 26.44 -19.43
N GLU C 137 -14.55 25.37 -18.74
CA GLU C 137 -15.49 25.49 -17.64
C GLU C 137 -14.75 25.95 -16.39
N ARG C 138 -15.46 26.70 -15.54
CA ARG C 138 -14.97 27.18 -14.26
C ARG C 138 -15.97 26.76 -13.18
N ASP C 139 -15.44 26.27 -12.06
CA ASP C 139 -16.25 25.90 -10.90
C ASP C 139 -15.67 26.63 -9.70
N ILE C 140 -16.47 27.56 -9.15
CA ILE C 140 -16.09 28.35 -7.99
C ILE C 140 -16.98 28.00 -6.80
N SER C 141 -17.72 26.88 -6.89
CA SER C 141 -18.59 26.39 -5.82
C SER C 141 -17.78 25.88 -4.63
N THR C 142 -18.35 25.97 -3.42
CA THR C 142 -17.63 25.55 -2.22
C THR C 142 -18.48 24.60 -1.38
N GLU C 143 -19.31 23.79 -2.04
CA GLU C 143 -20.18 22.85 -1.37
C GLU C 143 -19.32 21.73 -0.76
N ILE C 144 -19.69 21.32 0.46
CA ILE C 144 -19.06 20.18 1.11
C ILE C 144 -19.28 18.96 0.22
N TYR C 145 -18.17 18.27 -0.07
CA TYR C 145 -18.10 17.16 -1.01
C TYR C 145 -18.49 15.86 -0.31
N GLN C 146 -19.47 15.15 -0.87
CA GLN C 146 -20.04 13.96 -0.24
C GLN C 146 -19.33 12.71 -0.76
N ALA C 147 -18.47 12.14 0.09
CA ALA C 147 -17.63 11.00 -0.27
C ALA C 147 -18.27 9.66 0.13
N GLY C 148 -19.38 9.70 0.87
CA GLY C 148 -20.10 8.51 1.26
C GLY C 148 -21.55 8.54 0.80
N SER C 149 -22.39 7.70 1.42
CA SER C 149 -23.80 7.59 1.09
C SER C 149 -24.63 8.56 1.93
N THR C 150 -24.07 9.01 3.06
CA THR C 150 -24.72 9.90 4.02
C THR C 150 -24.59 11.35 3.53
N PRO C 151 -25.70 12.11 3.40
CA PRO C 151 -25.60 13.53 3.05
C PRO C 151 -24.84 14.33 4.11
N CYS C 152 -24.15 15.38 3.64
CA CYS C 152 -23.24 16.16 4.48
C CYS C 152 -23.98 17.30 5.18
N ASN C 153 -25.07 17.79 4.56
CA ASN C 153 -25.89 18.89 5.04
C ASN C 153 -25.03 20.09 5.41
N GLY C 154 -24.02 20.39 4.56
CA GLY C 154 -23.17 21.55 4.69
C GLY C 154 -22.14 21.45 5.83
N VAL C 155 -22.00 20.25 6.43
CA VAL C 155 -21.16 20.09 7.60
C VAL C 155 -19.91 19.27 7.26
N GLU C 156 -18.75 19.89 7.54
CA GLU C 156 -17.44 19.29 7.31
C GLU C 156 -17.21 18.19 8.34
N GLY C 157 -16.85 16.98 7.86
CA GLY C 157 -16.57 15.87 8.76
C GLY C 157 -16.12 14.63 8.00
N PHE C 158 -16.31 13.46 8.62
CA PHE C 158 -16.03 12.17 7.98
C PHE C 158 -16.87 12.04 6.71
N ASN C 159 -16.19 11.72 5.61
CA ASN C 159 -16.73 11.56 4.26
C ASN C 159 -17.39 12.85 3.76
N CYS C 160 -17.03 13.98 4.37
CA CYS C 160 -17.66 15.26 4.11
C CYS C 160 -16.57 16.34 4.01
N TYR C 161 -16.04 16.52 2.80
CA TYR C 161 -14.77 17.22 2.61
C TYR C 161 -14.97 18.59 2.00
N PHE C 162 -14.31 19.60 2.58
CA PHE C 162 -14.23 20.88 1.90
C PHE C 162 -13.46 20.64 0.60
N PRO C 163 -14.00 21.05 -0.58
CA PRO C 163 -13.44 20.65 -1.88
C PRO C 163 -12.13 21.31 -2.32
N LEU C 164 -11.80 22.45 -1.69
CA LEU C 164 -10.63 23.24 -2.07
C LEU C 164 -9.50 23.01 -1.07
N GLN C 165 -8.27 23.06 -1.59
CA GLN C 165 -7.06 22.94 -0.78
C GLN C 165 -6.11 24.07 -1.14
N SER C 166 -5.30 24.49 -0.17
CA SER C 166 -4.28 25.53 -0.33
CA SER C 166 -4.30 25.53 -0.38
C SER C 166 -2.99 24.91 -0.87
N TYR C 167 -2.34 25.60 -1.82
CA TYR C 167 -0.93 25.31 -2.01
C TYR C 167 -0.20 25.99 -0.87
N GLY C 168 1.00 25.48 -0.53
CA GLY C 168 1.78 26.13 0.52
C GLY C 168 3.12 26.60 -0.05
N PHE C 169 3.16 27.82 -0.58
CA PHE C 169 4.34 28.29 -1.31
C PHE C 169 5.28 29.01 -0.36
N GLN C 170 6.43 28.36 -0.10
CA GLN C 170 7.56 28.92 0.63
C GLN C 170 8.72 28.96 -0.36
N PRO C 171 9.58 30.00 -0.35
CA PRO C 171 10.62 30.16 -1.37
C PRO C 171 11.62 29.01 -1.54
N THR C 172 11.85 28.27 -0.46
CA THR C 172 12.82 27.18 -0.39
C THR C 172 12.19 25.83 -0.73
N ASN C 173 10.93 25.83 -1.18
CA ASN C 173 10.30 24.65 -1.75
C ASN C 173 11.14 24.15 -2.92
N GLY C 174 11.13 22.83 -3.13
CA GLY C 174 11.54 22.22 -4.39
C GLY C 174 10.78 22.82 -5.56
N VAL C 175 11.39 22.81 -6.75
CA VAL C 175 10.78 23.51 -7.87
C VAL C 175 9.42 22.93 -8.27
N GLY C 176 9.22 21.63 -8.02
CA GLY C 176 7.95 20.96 -8.26
C GLY C 176 6.82 21.55 -7.41
N TYR C 177 7.18 22.13 -6.26
CA TYR C 177 6.24 22.75 -5.32
C TYR C 177 6.27 24.28 -5.36
N GLN C 178 7.00 24.86 -6.31
CA GLN C 178 7.11 26.30 -6.43
C GLN C 178 5.96 26.82 -7.29
N PRO C 179 5.51 28.08 -7.09
CA PRO C 179 4.40 28.62 -7.89
C PRO C 179 4.89 28.97 -9.30
N TYR C 180 4.04 28.69 -10.29
CA TYR C 180 4.21 29.10 -11.67
C TYR C 180 3.00 29.90 -12.12
N ARG C 181 3.26 31.07 -12.70
CA ARG C 181 2.21 31.81 -13.38
C ARG C 181 2.02 31.26 -14.79
N VAL C 182 0.74 31.04 -15.13
CA VAL C 182 0.37 30.48 -16.42
C VAL C 182 -0.55 31.45 -17.15
N VAL C 183 -0.28 31.66 -18.44
CA VAL C 183 -1.19 32.35 -19.33
C VAL C 183 -1.51 31.45 -20.51
N VAL C 184 -2.83 31.28 -20.74
CA VAL C 184 -3.34 30.52 -21.87
C VAL C 184 -3.97 31.54 -22.83
N LEU C 185 -3.42 31.62 -24.04
CA LEU C 185 -4.00 32.46 -25.08
C LEU C 185 -4.76 31.55 -26.03
N SER C 186 -6.07 31.76 -26.14
CA SER C 186 -6.84 31.00 -27.12
C SER C 186 -7.29 31.94 -28.24
N PHE C 187 -7.23 31.41 -29.46
CA PHE C 187 -7.49 32.17 -30.67
C PHE C 187 -8.79 31.67 -31.30
N GLU C 188 -9.76 32.57 -31.47
CA GLU C 188 -11.00 32.19 -32.16
C GLU C 188 -11.10 32.92 -33.49
N LEU C 189 -11.49 32.16 -34.53
CA LEU C 189 -11.62 32.67 -35.89
C LEU C 189 -13.04 32.41 -36.39
N LEU C 190 -14.01 33.14 -35.80
CA LEU C 190 -15.43 33.02 -36.14
C LEU C 190 -15.74 33.75 -37.44
N HIS C 191 -16.99 33.59 -37.92
CA HIS C 191 -17.48 34.17 -39.15
C HIS C 191 -17.85 35.63 -38.94
N ALA C 192 -16.85 36.44 -38.60
CA ALA C 192 -17.02 37.78 -38.06
C ALA C 192 -15.75 38.58 -38.33
N PRO C 193 -15.74 39.93 -38.16
CA PRO C 193 -14.51 40.71 -38.33
C PRO C 193 -13.38 40.29 -37.39
N ALA C 194 -12.16 40.24 -37.96
CA ALA C 194 -10.95 39.82 -37.26
C ALA C 194 -10.32 41.03 -36.57
N THR C 195 -10.56 41.16 -35.25
CA THR C 195 -10.26 42.38 -34.52
C THR C 195 -8.85 42.38 -33.93
N VAL C 196 -8.19 41.22 -33.91
CA VAL C 196 -6.87 41.11 -33.30
C VAL C 196 -5.86 40.64 -34.34
N CYS C 197 -5.03 41.58 -34.81
CA CYS C 197 -4.10 41.29 -35.89
C CYS C 197 -2.65 41.51 -35.42
N GLY C 198 -1.76 40.64 -35.89
CA GLY C 198 -0.33 40.85 -35.73
C GLY C 198 0.14 42.04 -36.57
N PRO C 199 1.26 42.73 -36.22
CA PRO C 199 1.68 43.93 -36.94
C PRO C 199 2.02 43.67 -38.40
N HIS C 200 2.37 42.41 -38.69
CA HIS C 200 2.90 42.00 -39.99
C HIS C 200 1.95 40.99 -40.64
#